data_8D23
#
_entry.id   8D23
#
_cell.length_a   174.826
_cell.length_b   174.826
_cell.length_c   123.721
_cell.angle_alpha   90.000
_cell.angle_beta   90.000
_cell.angle_gamma   120.000
#
_symmetry.space_group_name_H-M   'H 3 2'
#
loop_
_entity.id
_entity.type
_entity.pdbx_description
1 polymer 'N-acetyltransferase Eis'
2 non-polymer 1-{2-[(3-chlorophenyl)methoxy]phenyl}-N-[(pyridin-3-yl)methyl]methanamine
3 non-polymer GLYCEROL
4 water water
#
_entity_poly.entity_id   1
_entity_poly.type   'polypeptide(L)'
_entity_poly.pdbx_seq_one_letter_code
;MGSSHHHHHHSSGLVPRGSHMTVTLCSPTEDDWPGMFLLAAASFTDFIGPESATAWRTLVPTDGAVVVRDGAGPGSEVVG
MALYMDLRLTVPGEVVLPTAGLSFVAVAPTHRRRGLLRAMCAELHRRIADSGYPVAALHASEGGIYGRFGYGPATTLHEL
TVDRRFARFHADAPGGGLGGSSVRLVRPTEHRGEFEAIYERWRQQVPGGLLRPQVLWDELLAEAKAAPGGDRESFALLHP
DGYALYRVDRTDLKLARVSELRAVTADAHCALWRALIGLDSMERISIITHPQDPLPHLLTDTRLARTTWRQDGLWLRIMN
VPAALEARGYAHEVGEFSTVLEVSDGGRFALKIGDGRARCTPTDAAAEIEMDRDVLGSLYLGAHRASTLAAANRLRTKDS
QLLRRLDAAFASDVPVQTAFEF
;
_entity_poly.pdbx_strand_id   A
#
loop_
_chem_comp.id
_chem_comp.type
_chem_comp.name
_chem_comp.formula
GOL non-polymer GLYCEROL 'C3 H8 O3'
PVU non-polymer 1-{2-[(3-chlorophenyl)methoxy]phenyl}-N-[(pyridin-3-yl)methyl]methanamine 'C20 H19 Cl N2 O'
#
# COMPACT_ATOMS: atom_id res chain seq x y z
N VAL A 23 20.51 -26.52 -9.51
CA VAL A 23 19.56 -25.39 -9.24
C VAL A 23 18.13 -25.86 -9.58
N THR A 24 17.43 -26.44 -8.60
CA THR A 24 15.99 -26.81 -8.69
C THR A 24 15.15 -25.65 -8.14
N LEU A 25 13.91 -25.49 -8.63
CA LEU A 25 12.89 -24.58 -8.06
C LEU A 25 11.68 -25.40 -7.58
N CYS A 26 11.39 -25.42 -6.27
CA CYS A 26 10.45 -26.35 -5.57
C CYS A 26 9.63 -25.57 -4.54
N SER A 27 8.42 -25.99 -4.20
CA SER A 27 7.73 -25.57 -2.96
C SER A 27 8.59 -25.98 -1.77
N PRO A 28 8.82 -25.18 -0.73
CA PRO A 28 9.67 -25.65 0.37
C PRO A 28 8.96 -26.71 1.24
N THR A 29 9.73 -27.63 1.82
CA THR A 29 9.29 -28.56 2.90
C THR A 29 9.66 -27.93 4.23
N GLU A 30 9.19 -28.48 5.34
CA GLU A 30 9.44 -27.91 6.69
C GLU A 30 10.96 -27.77 6.89
N ASP A 31 11.75 -28.68 6.30
CA ASP A 31 13.24 -28.77 6.39
C ASP A 31 13.93 -27.62 5.68
N ASP A 32 13.25 -26.91 4.79
CA ASP A 32 13.82 -25.79 4.01
C ASP A 32 13.76 -24.48 4.80
N TRP A 33 12.92 -24.40 5.83
CA TRP A 33 12.63 -23.11 6.50
C TRP A 33 13.84 -22.56 7.27
N PRO A 34 14.68 -23.36 7.96
CA PRO A 34 15.91 -22.82 8.55
C PRO A 34 16.85 -22.17 7.52
N GLY A 35 17.09 -22.81 6.37
CA GLY A 35 17.83 -22.17 5.24
C GLY A 35 17.16 -20.87 4.78
N MET A 36 15.83 -20.84 4.81
CA MET A 36 15.05 -19.63 4.39
C MET A 36 15.23 -18.52 5.44
N PHE A 37 15.14 -18.83 6.73
CA PHE A 37 15.36 -17.86 7.84
C PHE A 37 16.79 -17.28 7.82
N LEU A 38 17.80 -18.09 7.50
CA LEU A 38 19.19 -17.61 7.34
C LEU A 38 19.27 -16.64 6.16
N LEU A 39 18.78 -17.05 4.99
CA LEU A 39 18.79 -16.12 3.85
C LEU A 39 18.02 -14.83 4.18
N ALA A 40 16.92 -14.93 4.94
CA ALA A 40 16.08 -13.79 5.34
C ALA A 40 16.90 -12.83 6.21
N ALA A 41 17.49 -13.38 7.28
CA ALA A 41 18.34 -12.61 8.23
C ALA A 41 19.46 -11.87 7.47
N ALA A 42 20.05 -12.48 6.44
CA ALA A 42 21.17 -11.89 5.67
C ALA A 42 20.64 -10.91 4.65
N SER A 43 19.35 -10.95 4.29
CA SER A 43 18.80 -10.13 3.20
C SER A 43 18.04 -8.91 3.74
N PHE A 44 17.45 -9.00 4.96
CA PHE A 44 16.57 -7.95 5.52
C PHE A 44 16.98 -7.60 6.96
N THR A 45 17.34 -6.35 7.19
CA THR A 45 17.88 -5.90 8.51
C THR A 45 16.79 -6.03 9.59
N ASP A 46 15.52 -5.90 9.21
CA ASP A 46 14.35 -6.01 10.13
C ASP A 46 14.11 -7.46 10.59
N PHE A 47 14.60 -8.47 9.89
CA PHE A 47 14.33 -9.88 10.23
C PHE A 47 15.28 -10.29 11.36
N ILE A 48 14.75 -10.26 12.59
CA ILE A 48 15.46 -10.61 13.88
C ILE A 48 15.71 -12.13 13.91
N GLY A 49 14.73 -12.94 13.54
CA GLY A 49 14.86 -14.41 13.59
C GLY A 49 13.52 -15.06 13.29
N PRO A 50 13.40 -16.40 13.42
CA PRO A 50 12.19 -17.15 13.06
C PRO A 50 10.88 -16.55 13.57
N GLU A 51 10.86 -16.07 14.82
CA GLU A 51 9.66 -15.42 15.42
C GLU A 51 9.17 -14.26 14.52
N SER A 52 10.08 -13.64 13.75
CA SER A 52 9.78 -12.53 12.77
C SER A 52 8.82 -12.99 11.65
N ALA A 53 8.85 -14.28 11.27
CA ALA A 53 8.05 -14.83 10.16
C ALA A 53 6.83 -15.63 10.64
N THR A 54 6.73 -15.96 11.92
CA THR A 54 5.65 -16.81 12.51
C THR A 54 4.27 -16.30 12.10
N ALA A 55 3.99 -15.05 12.42
CA ALA A 55 2.68 -14.43 12.26
C ALA A 55 2.35 -14.32 10.77
N TRP A 56 3.30 -13.82 9.99
CA TRP A 56 3.10 -13.51 8.55
C TRP A 56 2.80 -14.80 7.82
N ARG A 57 3.44 -15.82 8.32
CA ARG A 57 3.47 -17.14 7.69
C ARG A 57 2.11 -17.84 7.76
N THR A 58 1.29 -17.62 8.78
CA THR A 58 -0.14 -18.05 8.80
C THR A 58 -0.89 -17.45 7.59
N LEU A 59 -0.38 -16.43 6.87
CA LEU A 59 -1.10 -15.80 5.71
C LEU A 59 -0.64 -16.41 4.38
N VAL A 60 0.36 -17.28 4.41
CA VAL A 60 0.89 -17.90 3.18
C VAL A 60 0.06 -19.16 2.89
N PRO A 61 -0.65 -19.28 1.77
CA PRO A 61 -1.39 -20.52 1.53
C PRO A 61 -0.41 -21.66 1.20
N THR A 62 -0.87 -22.89 1.36
CA THR A 62 -0.24 -24.11 0.75
C THR A 62 0.20 -23.77 -0.68
N ASP A 63 1.41 -24.08 -1.05
CA ASP A 63 1.83 -23.77 -2.46
C ASP A 63 2.01 -22.25 -2.68
N GLY A 64 1.98 -21.41 -1.63
CA GLY A 64 2.27 -19.97 -1.77
C GLY A 64 3.75 -19.60 -1.84
N ALA A 65 4.67 -20.56 -1.70
CA ALA A 65 6.12 -20.34 -1.53
C ALA A 65 6.92 -21.17 -2.52
N VAL A 66 7.98 -20.58 -3.06
CA VAL A 66 9.03 -21.30 -3.84
C VAL A 66 10.41 -21.02 -3.24
N VAL A 67 11.31 -22.00 -3.38
CA VAL A 67 12.74 -21.92 -2.98
C VAL A 67 13.53 -22.40 -4.17
N VAL A 68 14.74 -21.88 -4.29
CA VAL A 68 15.75 -22.37 -5.25
C VAL A 68 16.85 -22.99 -4.40
N ARG A 69 17.27 -24.23 -4.69
CA ARG A 69 18.36 -24.91 -3.93
C ARG A 69 19.57 -25.05 -4.85
N ASP A 70 20.78 -25.02 -4.30
CA ASP A 70 22.03 -25.30 -5.04
C ASP A 70 22.23 -26.82 -5.01
N GLY A 71 22.01 -27.50 -6.14
CA GLY A 71 22.04 -28.98 -6.25
C GLY A 71 20.99 -29.49 -7.23
N SER A 76 21.26 -29.76 0.12
CA SER A 76 21.51 -28.63 -0.83
C SER A 76 21.14 -27.35 -0.07
N GLU A 77 21.66 -26.16 -0.36
CA GLU A 77 21.22 -25.01 0.49
C GLU A 77 20.33 -24.04 -0.29
N VAL A 78 19.54 -23.26 0.45
CA VAL A 78 18.57 -22.28 -0.11
C VAL A 78 19.34 -21.05 -0.57
N VAL A 79 19.27 -20.76 -1.88
CA VAL A 79 19.95 -19.62 -2.54
C VAL A 79 18.93 -18.63 -3.10
N GLY A 80 17.65 -18.98 -3.05
CA GLY A 80 16.58 -18.09 -3.54
C GLY A 80 15.26 -18.44 -2.90
N MET A 81 14.44 -17.44 -2.60
CA MET A 81 13.07 -17.70 -2.09
C MET A 81 12.15 -16.54 -2.45
N ALA A 82 10.85 -16.84 -2.47
CA ALA A 82 9.74 -15.90 -2.71
C ALA A 82 8.42 -16.55 -2.33
N LEU A 83 7.46 -15.74 -1.92
CA LEU A 83 6.15 -16.29 -1.55
C LEU A 83 5.09 -15.22 -1.72
N TYR A 84 3.84 -15.62 -1.58
CA TYR A 84 2.72 -14.65 -1.60
C TYR A 84 1.84 -14.99 -0.42
N MET A 85 1.21 -13.94 0.09
CA MET A 85 0.23 -14.03 1.19
C MET A 85 -1.15 -13.76 0.60
N ASP A 86 -2.16 -14.36 1.21
CA ASP A 86 -3.59 -14.09 0.87
C ASP A 86 -4.03 -12.77 1.55
N LEU A 87 -4.21 -11.71 0.77
CA LEU A 87 -4.64 -10.40 1.27
C LEU A 87 -6.00 -10.02 0.65
N ARG A 88 -6.61 -8.99 1.21
CA ARG A 88 -7.83 -8.36 0.70
C ARG A 88 -7.57 -6.87 0.51
N LEU A 89 -7.64 -6.42 -0.73
CA LEU A 89 -7.28 -5.04 -1.10
C LEU A 89 -8.54 -4.30 -1.53
N THR A 90 -8.73 -3.12 -0.98
CA THR A 90 -9.88 -2.27 -1.32
C THR A 90 -9.47 -1.44 -2.54
N VAL A 91 -10.33 -1.39 -3.56
CA VAL A 91 -10.12 -0.59 -4.79
C VAL A 91 -11.27 0.40 -4.91
N PRO A 92 -11.15 1.42 -5.79
CA PRO A 92 -12.20 2.45 -5.90
C PRO A 92 -13.59 1.82 -6.12
N GLY A 93 -14.59 2.42 -5.50
CA GLY A 93 -15.97 1.89 -5.43
C GLY A 93 -16.16 1.05 -4.20
N GLU A 94 -15.19 1.07 -3.28
CA GLU A 94 -15.20 0.25 -2.03
C GLU A 94 -15.31 -1.24 -2.37
N VAL A 95 -14.72 -1.67 -3.47
CA VAL A 95 -14.72 -3.09 -3.88
C VAL A 95 -13.47 -3.71 -3.28
N VAL A 96 -13.60 -4.88 -2.67
CA VAL A 96 -12.49 -5.63 -2.03
C VAL A 96 -12.09 -6.80 -2.94
N LEU A 97 -10.84 -6.82 -3.41
CA LEU A 97 -10.33 -7.93 -4.24
C LEU A 97 -9.44 -8.85 -3.44
N PRO A 98 -9.56 -10.18 -3.67
CA PRO A 98 -8.54 -11.13 -3.26
C PRO A 98 -7.25 -10.70 -3.98
N THR A 99 -6.16 -10.62 -3.22
CA THR A 99 -4.87 -10.09 -3.69
C THR A 99 -3.77 -11.00 -3.19
N ALA A 100 -2.86 -11.37 -4.09
CA ALA A 100 -1.63 -12.12 -3.78
C ALA A 100 -0.54 -11.11 -3.46
N GLY A 101 -0.14 -11.06 -2.19
CA GLY A 101 0.91 -10.11 -1.71
C GLY A 101 2.27 -10.76 -1.78
N LEU A 102 3.07 -10.46 -2.82
CA LEU A 102 4.44 -11.01 -2.95
C LEU A 102 5.29 -10.48 -1.78
N SER A 103 6.03 -11.35 -1.10
CA SER A 103 6.82 -10.94 0.08
C SER A 103 7.97 -11.94 0.32
N PHE A 104 8.91 -11.61 1.20
CA PHE A 104 10.00 -12.56 1.56
C PHE A 104 10.77 -12.97 0.31
N VAL A 105 10.99 -12.01 -0.60
CA VAL A 105 11.68 -12.33 -1.88
C VAL A 105 13.18 -12.00 -1.70
N ALA A 106 14.03 -13.01 -1.78
CA ALA A 106 15.48 -12.79 -1.57
C ALA A 106 16.30 -13.71 -2.48
N VAL A 107 17.47 -13.22 -2.94
CA VAL A 107 18.39 -14.06 -3.75
C VAL A 107 19.75 -13.99 -3.04
N ALA A 108 20.37 -15.13 -2.75
CA ALA A 108 21.65 -15.15 -2.03
C ALA A 108 22.69 -14.27 -2.75
N PRO A 109 23.56 -13.56 -2.01
CA PRO A 109 24.54 -12.66 -2.62
C PRO A 109 25.55 -13.45 -3.45
N THR A 110 25.62 -14.77 -3.23
CA THR A 110 26.51 -15.72 -3.95
C THR A 110 25.92 -16.11 -5.30
N HIS A 111 24.62 -15.83 -5.55
CA HIS A 111 23.88 -16.43 -6.67
C HIS A 111 23.26 -15.30 -7.49
N ARG A 112 23.87 -14.14 -7.44
CA ARG A 112 23.39 -13.00 -8.25
C ARG A 112 23.55 -13.30 -9.74
N ARG A 113 22.74 -12.61 -10.53
CA ARG A 113 22.82 -12.55 -12.02
C ARG A 113 22.63 -13.94 -12.64
N ARG A 114 21.84 -14.81 -12.05
CA ARG A 114 21.64 -16.18 -12.58
C ARG A 114 20.17 -16.37 -12.94
N GLY A 115 19.40 -15.29 -13.12
CA GLY A 115 17.98 -15.36 -13.52
C GLY A 115 17.09 -15.97 -12.44
N LEU A 116 17.51 -16.03 -11.17
CA LEU A 116 16.74 -16.69 -10.09
C LEU A 116 15.47 -15.91 -9.73
N LEU A 117 15.53 -14.58 -9.67
CA LEU A 117 14.34 -13.75 -9.40
C LEU A 117 13.30 -13.92 -10.52
N ARG A 118 13.74 -13.90 -11.78
CA ARG A 118 12.87 -14.08 -12.97
C ARG A 118 12.15 -15.44 -12.84
N ALA A 119 12.89 -16.53 -12.66
CA ALA A 119 12.32 -17.88 -12.54
C ALA A 119 11.35 -17.91 -11.35
N MET A 120 11.70 -17.36 -10.18
CA MET A 120 10.78 -17.44 -9.01
C MET A 120 9.50 -16.64 -9.30
N CYS A 121 9.60 -15.45 -9.91
CA CYS A 121 8.42 -14.58 -10.18
C CYS A 121 7.53 -15.26 -11.25
N ALA A 122 8.12 -15.90 -12.28
CA ALA A 122 7.31 -16.61 -13.32
C ALA A 122 6.54 -17.77 -12.68
N GLU A 123 7.16 -18.56 -11.79
CA GLU A 123 6.46 -19.67 -11.12
C GLU A 123 5.35 -19.12 -10.22
N LEU A 124 5.62 -18.10 -9.42
CA LEU A 124 4.55 -17.64 -8.48
C LEU A 124 3.42 -17.03 -9.27
N HIS A 125 3.72 -16.28 -10.33
CA HIS A 125 2.69 -15.62 -11.17
C HIS A 125 1.79 -16.69 -11.83
N ARG A 126 2.35 -17.83 -12.26
CA ARG A 126 1.59 -18.96 -12.82
C ARG A 126 0.63 -19.47 -11.73
N ARG A 127 1.15 -19.73 -10.53
CA ARG A 127 0.32 -20.23 -9.39
C ARG A 127 -0.72 -19.19 -9.02
N ILE A 128 -0.36 -17.92 -8.97
CA ILE A 128 -1.33 -16.87 -8.57
C ILE A 128 -2.46 -16.80 -9.60
N ALA A 129 -2.14 -16.77 -10.90
CA ALA A 129 -3.11 -16.72 -12.02
C ALA A 129 -4.00 -17.97 -11.97
N ASP A 130 -3.42 -19.17 -11.90
CA ASP A 130 -4.19 -20.45 -11.85
C ASP A 130 -5.09 -20.45 -10.64
N SER A 131 -4.69 -19.85 -9.54
CA SER A 131 -5.51 -19.87 -8.30
C SER A 131 -6.72 -18.92 -8.42
N GLY A 132 -6.74 -18.00 -9.40
CA GLY A 132 -7.86 -17.06 -9.58
C GLY A 132 -7.71 -15.69 -8.91
N TYR A 133 -6.52 -15.28 -8.50
CA TYR A 133 -6.31 -13.90 -8.01
C TYR A 133 -6.43 -12.95 -9.20
N PRO A 134 -7.23 -11.86 -9.16
CA PRO A 134 -7.17 -10.87 -10.24
C PRO A 134 -5.98 -9.89 -10.19
N VAL A 135 -5.37 -9.71 -9.00
CA VAL A 135 -4.21 -8.80 -8.83
C VAL A 135 -3.19 -9.44 -7.89
N ALA A 136 -1.92 -9.13 -8.14
CA ALA A 136 -0.82 -9.30 -7.18
C ALA A 136 -0.34 -7.92 -6.71
N ALA A 137 0.30 -7.89 -5.56
CA ALA A 137 0.83 -6.64 -4.99
C ALA A 137 2.13 -6.90 -4.22
N LEU A 138 2.96 -5.86 -4.11
CA LEU A 138 4.19 -5.89 -3.29
C LEU A 138 4.62 -4.46 -2.88
N HIS A 139 5.54 -4.41 -1.93
CA HIS A 139 6.39 -3.24 -1.56
C HIS A 139 7.80 -3.50 -2.08
N ALA A 140 8.38 -2.56 -2.81
CA ALA A 140 9.66 -2.74 -3.52
C ALA A 140 10.81 -2.22 -2.65
N SER A 141 11.80 -3.07 -2.40
CA SER A 141 13.13 -2.69 -1.84
C SER A 141 13.81 -1.68 -2.76
N GLU A 142 13.68 -1.80 -4.08
CA GLU A 142 14.25 -0.82 -5.04
C GLU A 142 13.23 -0.51 -6.14
N GLY A 143 13.35 0.65 -6.79
CA GLY A 143 12.40 1.11 -7.79
C GLY A 143 12.63 0.53 -9.19
N GLY A 144 13.77 -0.10 -9.45
CA GLY A 144 14.13 -0.51 -10.82
C GLY A 144 13.90 -1.99 -11.10
N ILE A 145 13.33 -2.74 -10.16
CA ILE A 145 13.31 -4.22 -10.29
C ILE A 145 11.98 -4.70 -10.88
N TYR A 146 10.83 -4.29 -10.34
CA TYR A 146 9.55 -5.01 -10.54
C TYR A 146 8.78 -4.52 -11.78
N GLY A 147 9.08 -3.38 -12.40
CA GLY A 147 8.37 -2.93 -13.63
C GLY A 147 8.43 -3.98 -14.73
N ARG A 148 9.57 -4.65 -14.87
CA ARG A 148 9.75 -5.60 -15.99
C ARG A 148 8.92 -6.87 -15.76
N PHE A 149 8.42 -7.15 -14.56
CA PHE A 149 7.56 -8.31 -14.21
C PHE A 149 6.07 -7.89 -14.19
N GLY A 150 5.77 -6.67 -14.59
CA GLY A 150 4.41 -6.13 -14.75
C GLY A 150 3.85 -5.38 -13.55
N TYR A 151 4.65 -5.09 -12.53
CA TYR A 151 4.20 -4.35 -11.33
C TYR A 151 4.36 -2.84 -11.59
N GLY A 152 3.31 -2.05 -11.40
CA GLY A 152 3.43 -0.57 -11.46
C GLY A 152 3.23 0.03 -10.08
N PRO A 153 3.98 1.09 -9.71
CA PRO A 153 3.71 1.74 -8.42
C PRO A 153 2.30 2.35 -8.42
N ALA A 154 1.50 2.06 -7.41
CA ALA A 154 0.05 2.33 -7.42
C ALA A 154 -0.40 3.24 -6.27
N THR A 155 0.41 3.40 -5.20
CA THR A 155 0.18 4.36 -4.08
C THR A 155 1.45 5.16 -3.89
N THR A 156 1.34 6.34 -3.31
CA THR A 156 2.47 7.29 -3.08
C THR A 156 2.57 7.62 -1.60
N LEU A 157 3.70 7.25 -0.99
CA LEU A 157 4.01 7.65 0.41
C LEU A 157 4.52 9.09 0.37
N HIS A 158 3.99 9.88 1.27
CA HIS A 158 4.28 11.31 1.40
C HIS A 158 4.60 11.58 2.87
N GLU A 159 5.85 11.84 3.22
CA GLU A 159 6.18 12.23 4.60
C GLU A 159 5.97 13.72 4.77
N LEU A 160 5.13 14.05 5.77
CA LEU A 160 4.95 15.43 6.30
C LEU A 160 5.65 15.53 7.65
N THR A 161 6.48 16.56 7.79
CA THR A 161 7.09 16.99 9.06
C THR A 161 6.51 18.36 9.41
N VAL A 162 5.82 18.44 10.54
CA VAL A 162 5.22 19.68 11.08
C VAL A 162 6.15 20.29 12.14
N ASP A 163 6.62 21.53 11.99
CA ASP A 163 7.23 22.29 13.13
C ASP A 163 6.10 22.73 14.04
N ARG A 164 5.73 21.88 14.98
CA ARG A 164 4.51 22.09 15.77
C ARG A 164 4.60 23.33 16.66
N ARG A 165 5.78 23.92 16.87
CA ARG A 165 5.91 25.14 17.72
C ARG A 165 5.26 26.35 17.04
N PHE A 166 5.13 26.39 15.72
CA PHE A 166 4.47 27.53 15.03
C PHE A 166 3.04 27.18 14.66
N ALA A 167 2.63 25.92 14.81
CA ALA A 167 1.38 25.42 14.22
C ALA A 167 0.20 26.05 14.96
N ARG A 168 -0.66 26.77 14.27
CA ARG A 168 -1.99 27.21 14.76
C ARG A 168 -3.10 26.76 13.79
N PHE A 169 -4.19 26.25 14.35
CA PHE A 169 -5.34 25.79 13.56
C PHE A 169 -6.12 26.98 12.99
N HIS A 170 -6.47 26.86 11.71
CA HIS A 170 -7.31 27.83 11.00
C HIS A 170 -8.63 27.96 11.76
N ALA A 171 -9.21 29.17 11.76
CA ALA A 171 -10.54 29.46 12.32
C ALA A 171 -11.56 28.47 11.78
N ASP A 172 -11.45 28.01 10.53
CA ASP A 172 -12.42 27.07 9.90
C ASP A 172 -12.23 25.65 10.45
N ALA A 173 -11.10 25.32 11.09
CA ALA A 173 -10.78 23.89 11.37
C ALA A 173 -11.80 23.31 12.35
N PRO A 174 -12.35 22.10 12.11
CA PRO A 174 -13.26 21.48 13.09
C PRO A 174 -12.70 21.38 14.52
N GLY A 175 -13.60 21.27 15.51
CA GLY A 175 -13.30 20.94 16.92
C GLY A 175 -12.49 22.00 17.64
N GLY A 176 -12.75 23.28 17.34
CA GLY A 176 -12.10 24.44 17.99
C GLY A 176 -12.83 24.89 19.25
N GLY A 177 -14.07 24.40 19.47
CA GLY A 177 -14.94 24.76 20.59
C GLY A 177 -14.34 24.43 21.96
N LEU A 178 -14.65 25.21 22.99
CA LEU A 178 -14.23 24.97 24.41
C LEU A 178 -15.05 23.78 24.93
N GLY A 179 -14.55 23.11 25.97
CA GLY A 179 -15.23 21.94 26.56
C GLY A 179 -14.38 20.69 26.41
N GLY A 180 -14.89 19.54 26.89
CA GLY A 180 -14.19 18.24 26.84
C GLY A 180 -13.58 17.95 25.47
N SER A 181 -12.39 17.35 25.45
CA SER A 181 -11.76 16.78 24.22
C SER A 181 -12.39 15.41 23.97
N SER A 182 -12.73 15.15 22.71
CA SER A 182 -13.19 13.83 22.22
C SER A 182 -12.01 12.82 22.11
N VAL A 183 -10.75 13.26 22.28
CA VAL A 183 -9.54 12.41 22.11
C VAL A 183 -8.95 12.03 23.49
N ARG A 184 -8.55 10.79 23.64
CA ARG A 184 -7.89 10.33 24.89
C ARG A 184 -6.50 9.82 24.57
N LEU A 185 -5.54 10.06 25.45
CA LEU A 185 -4.22 9.44 25.42
C LEU A 185 -4.30 8.10 26.15
N VAL A 186 -3.91 7.01 25.51
CA VAL A 186 -4.14 5.66 26.06
C VAL A 186 -2.93 4.79 25.72
N ARG A 187 -2.83 3.70 26.45
CA ARG A 187 -1.85 2.61 26.20
C ARG A 187 -2.41 1.76 25.09
N PRO A 188 -1.69 1.58 23.98
CA PRO A 188 -2.18 0.79 22.86
C PRO A 188 -2.76 -0.61 23.24
N THR A 189 -2.05 -1.36 24.07
CA THR A 189 -2.42 -2.77 24.35
C THR A 189 -3.75 -2.84 25.09
N GLU A 190 -4.21 -1.75 25.72
CA GLU A 190 -5.46 -1.80 26.52
C GLU A 190 -6.67 -1.42 25.66
N HIS A 191 -6.50 -1.05 24.39
CA HIS A 191 -7.65 -0.64 23.55
C HIS A 191 -7.60 -1.33 22.18
N ARG A 192 -7.17 -2.58 22.15
CA ARG A 192 -6.96 -3.35 20.90
C ARG A 192 -8.29 -3.45 20.13
N GLY A 193 -9.38 -3.71 20.83
CA GLY A 193 -10.72 -3.85 20.23
C GLY A 193 -11.12 -2.60 19.48
N GLU A 194 -10.90 -1.42 20.09
CA GLU A 194 -11.32 -0.14 19.46
C GLU A 194 -10.48 0.10 18.20
N PHE A 195 -9.16 -0.13 18.30
CA PHE A 195 -8.24 0.11 17.16
C PHE A 195 -8.67 -0.78 15.98
N GLU A 196 -8.91 -2.07 16.26
CA GLU A 196 -9.35 -3.08 15.26
C GLU A 196 -10.61 -2.60 14.54
N ALA A 197 -11.63 -2.17 15.31
CA ALA A 197 -12.94 -1.76 14.75
C ALA A 197 -12.72 -0.52 13.88
N ILE A 198 -11.95 0.45 14.37
CA ILE A 198 -11.75 1.72 13.59
C ILE A 198 -11.01 1.36 12.29
N TYR A 199 -9.98 0.51 12.38
CA TYR A 199 -9.18 0.17 11.17
C TYR A 199 -10.05 -0.58 10.17
N GLU A 200 -10.90 -1.48 10.66
CA GLU A 200 -11.76 -2.30 9.76
C GLU A 200 -12.69 -1.37 8.97
N ARG A 201 -13.25 -0.34 9.64
CA ARG A 201 -14.09 0.64 8.93
C ARG A 201 -13.23 1.41 7.93
N TRP A 202 -12.03 1.83 8.35
CA TRP A 202 -11.14 2.64 7.47
C TRP A 202 -10.81 1.84 6.18
N ARG A 203 -10.42 0.59 6.32
CA ARG A 203 -9.81 -0.20 5.20
C ARG A 203 -10.86 -0.54 4.13
N GLN A 204 -12.11 -0.67 4.55
CA GLN A 204 -13.28 -0.92 3.66
C GLN A 204 -13.67 0.36 2.94
N GLN A 205 -13.34 1.55 3.41
CA GLN A 205 -13.76 2.75 2.67
C GLN A 205 -12.63 3.37 1.86
N VAL A 206 -11.38 2.93 1.98
CA VAL A 206 -10.28 3.68 1.32
C VAL A 206 -9.58 2.77 0.30
N PRO A 207 -9.42 3.18 -0.97
CA PRO A 207 -8.60 2.43 -1.90
C PRO A 207 -7.17 2.35 -1.36
N GLY A 208 -6.60 1.14 -1.42
CA GLY A 208 -5.30 0.87 -0.78
C GLY A 208 -5.49 0.15 0.54
N GLY A 209 -6.70 0.19 1.11
CA GLY A 209 -6.97 -0.51 2.39
C GLY A 209 -6.69 -1.99 2.30
N LEU A 210 -6.10 -2.56 3.34
CA LEU A 210 -5.88 -4.02 3.48
C LEU A 210 -6.59 -4.51 4.73
N LEU A 211 -7.24 -5.67 4.63
CA LEU A 211 -7.69 -6.39 5.84
C LEU A 211 -6.45 -6.66 6.71
N ARG A 212 -6.53 -6.35 7.99
CA ARG A 212 -5.40 -6.66 8.89
C ARG A 212 -5.81 -7.81 9.79
N PRO A 213 -5.34 -9.05 9.56
CA PRO A 213 -5.72 -10.21 10.38
C PRO A 213 -5.20 -10.12 11.82
N GLN A 214 -5.76 -10.96 12.72
CA GLN A 214 -5.48 -10.94 14.18
C GLN A 214 -3.98 -11.05 14.41
N VAL A 215 -3.30 -11.92 13.69
CA VAL A 215 -1.84 -12.17 13.91
C VAL A 215 -1.06 -10.89 13.61
N LEU A 216 -1.51 -10.02 12.70
CA LEU A 216 -0.77 -8.75 12.45
C LEU A 216 -1.07 -7.69 13.52
N TRP A 217 -2.28 -7.66 14.09
CA TRP A 217 -2.58 -6.88 15.32
C TRP A 217 -1.70 -7.37 16.50
N ASP A 218 -1.53 -8.69 16.70
CA ASP A 218 -0.56 -9.22 17.71
C ASP A 218 0.83 -8.60 17.42
N GLU A 219 1.33 -8.64 16.18
CA GLU A 219 2.70 -8.13 15.90
C GLU A 219 2.71 -6.62 16.20
N LEU A 220 1.73 -5.87 15.70
CA LEU A 220 1.69 -4.39 15.87
C LEU A 220 1.75 -4.06 17.37
N LEU A 221 0.95 -4.73 18.21
CA LEU A 221 0.88 -4.41 19.67
C LEU A 221 2.22 -4.78 20.35
N ALA A 222 2.92 -5.81 19.89
CA ALA A 222 4.23 -6.23 20.44
C ALA A 222 5.26 -5.12 20.16
N GLU A 223 5.29 -4.57 18.95
CA GLU A 223 6.23 -3.49 18.54
C GLU A 223 5.93 -2.16 19.27
N ALA A 224 4.84 -2.04 20.02
CA ALA A 224 4.44 -0.81 20.76
C ALA A 224 5.19 -0.68 22.10
N LYS A 225 5.66 -1.80 22.65
CA LYS A 225 6.50 -1.80 23.88
C LYS A 225 7.89 -1.23 23.55
N ALA A 226 8.48 -0.50 24.50
CA ALA A 226 9.91 -0.14 24.54
C ALA A 226 10.77 -1.39 24.27
N ALA A 227 11.90 -1.20 23.61
CA ALA A 227 12.89 -2.26 23.33
C ALA A 227 14.20 -1.92 24.04
N PRO A 228 14.81 -2.85 24.82
CA PRO A 228 16.16 -2.65 25.36
C PRO A 228 17.11 -2.11 24.27
N GLY A 229 17.58 -0.87 24.40
CA GLY A 229 18.39 -0.18 23.38
C GLY A 229 17.78 -0.22 21.97
N GLY A 230 16.45 -0.08 21.85
CA GLY A 230 15.76 0.01 20.56
C GLY A 230 14.72 1.13 20.58
N ASP A 231 13.53 0.88 20.03
CA ASP A 231 12.45 1.89 19.91
C ASP A 231 11.90 2.25 21.29
N ARG A 232 11.44 3.50 21.43
CA ARG A 232 10.81 3.98 22.68
C ARG A 232 9.37 3.46 22.72
N GLU A 233 8.73 3.55 23.86
CA GLU A 233 7.33 3.12 24.05
C GLU A 233 6.39 3.92 23.13
N SER A 234 5.40 3.26 22.55
CA SER A 234 4.33 3.86 21.73
C SER A 234 3.15 4.25 22.60
N PHE A 235 2.57 5.42 22.32
CA PHE A 235 1.29 5.87 22.91
C PHE A 235 0.26 5.91 21.77
N ALA A 236 -1.00 5.95 22.17
CA ALA A 236 -2.13 6.12 21.25
C ALA A 236 -2.91 7.35 21.64
N LEU A 237 -3.46 8.03 20.63
CA LEU A 237 -4.54 9.00 20.77
C LEU A 237 -5.76 8.37 20.13
N LEU A 238 -6.84 8.29 20.91
CA LEU A 238 -8.07 7.54 20.60
C LEU A 238 -9.28 8.49 20.61
N HIS A 239 -9.96 8.49 19.47
CA HIS A 239 -11.24 9.15 19.16
C HIS A 239 -12.26 8.07 18.79
N PRO A 240 -13.58 8.26 18.99
CA PRO A 240 -14.56 7.26 18.52
C PRO A 240 -14.36 6.85 17.05
N ASP A 241 -13.87 7.77 16.21
CA ASP A 241 -13.79 7.58 14.73
C ASP A 241 -12.34 7.74 14.19
N GLY A 242 -11.34 7.45 15.02
CA GLY A 242 -9.94 7.51 14.56
C GLY A 242 -8.96 7.27 15.67
N TYR A 243 -7.75 6.85 15.32
CA TYR A 243 -6.64 6.71 16.28
C TYR A 243 -5.36 7.13 15.58
N ALA A 244 -4.40 7.55 16.39
CA ALA A 244 -2.98 7.74 16.00
C ALA A 244 -2.11 6.93 16.96
N LEU A 245 -1.11 6.24 16.42
CA LEU A 245 -0.12 5.51 17.27
C LEU A 245 1.21 6.24 17.04
N TYR A 246 1.83 6.78 18.09
CA TYR A 246 3.07 7.58 17.89
C TYR A 246 4.16 7.21 18.89
N ARG A 247 5.42 7.44 18.52
CA ARG A 247 6.53 7.19 19.48
C ARG A 247 7.61 8.25 19.25
N VAL A 248 8.29 8.66 20.32
CA VAL A 248 9.40 9.66 20.18
C VAL A 248 10.56 8.97 19.47
N ASP A 249 11.28 9.69 18.61
CA ASP A 249 12.43 9.10 17.86
C ASP A 249 13.47 8.58 18.85
N ARG A 250 14.13 7.46 18.53
CA ARG A 250 15.08 6.83 19.48
C ARG A 250 16.24 7.79 19.78
N THR A 251 16.69 8.61 18.82
CA THR A 251 17.89 9.49 18.95
C THR A 251 17.46 10.96 19.00
N ASP A 252 16.58 11.42 18.09
CA ASP A 252 16.08 12.82 18.07
C ASP A 252 14.91 12.93 19.06
N LEU A 253 15.19 13.37 20.28
CA LEU A 253 14.19 13.38 21.39
C LEU A 253 13.18 14.54 21.22
N LYS A 254 13.32 15.42 20.25
CA LYS A 254 12.33 16.49 19.95
C LYS A 254 11.46 16.07 18.74
N LEU A 255 11.64 14.87 18.18
CA LEU A 255 10.81 14.36 17.03
C LEU A 255 9.83 13.27 17.51
N ALA A 256 8.53 13.47 17.29
CA ALA A 256 7.54 12.36 17.44
C ALA A 256 7.18 11.81 16.06
N ARG A 257 7.32 10.50 15.91
CA ARG A 257 6.99 9.85 14.61
C ARG A 257 5.63 9.17 14.76
N VAL A 258 4.66 9.56 13.94
CA VAL A 258 3.33 8.89 13.97
C VAL A 258 3.42 7.68 13.05
N SER A 259 3.52 6.48 13.63
CA SER A 259 3.62 5.23 12.82
C SER A 259 2.33 5.03 12.03
N GLU A 260 1.19 5.27 12.66
CA GLU A 260 -0.11 5.02 11.99
C GLU A 260 -1.15 6.05 12.41
N LEU A 261 -2.00 6.51 11.48
CA LEU A 261 -3.11 7.43 11.82
C LEU A 261 -4.30 7.04 10.94
N ARG A 262 -5.36 6.49 11.53
CA ARG A 262 -6.48 5.99 10.73
C ARG A 262 -7.70 6.79 11.18
N ALA A 263 -8.28 7.63 10.33
CA ALA A 263 -9.45 8.46 10.68
C ALA A 263 -10.54 8.19 9.64
N VAL A 264 -11.73 7.91 10.12
CA VAL A 264 -12.91 7.53 9.31
C VAL A 264 -13.70 8.81 8.98
N THR A 265 -13.56 9.89 9.76
CA THR A 265 -14.27 11.16 9.52
C THR A 265 -13.24 12.30 9.50
N ALA A 266 -13.60 13.43 8.90
CA ALA A 266 -12.76 14.64 8.89
C ALA A 266 -12.61 15.15 10.33
N ASP A 267 -13.69 15.11 11.11
CA ASP A 267 -13.65 15.57 12.52
C ASP A 267 -12.61 14.75 13.29
N ALA A 268 -12.54 13.43 13.08
CA ALA A 268 -11.61 12.56 13.82
C ALA A 268 -10.18 12.97 13.43
N HIS A 269 -9.94 13.16 12.14
CA HIS A 269 -8.61 13.55 11.59
C HIS A 269 -8.18 14.87 12.23
N CYS A 270 -9.07 15.84 12.30
CA CYS A 270 -8.70 17.17 12.85
C CYS A 270 -8.46 17.03 14.36
N ALA A 271 -9.36 16.33 15.06
CA ALA A 271 -9.25 16.18 16.53
C ALA A 271 -7.92 15.50 16.87
N LEU A 272 -7.52 14.48 16.10
CA LEU A 272 -6.25 13.75 16.36
C LEU A 272 -5.07 14.70 16.14
N TRP A 273 -5.11 15.56 15.11
CA TRP A 273 -3.97 16.47 14.82
C TRP A 273 -3.89 17.60 15.85
N ARG A 274 -5.03 18.07 16.38
CA ARG A 274 -5.01 19.01 17.53
C ARG A 274 -4.27 18.37 18.71
N ALA A 275 -4.52 17.09 18.98
CA ALA A 275 -3.86 16.40 20.10
C ALA A 275 -2.36 16.24 19.78
N LEU A 276 -2.00 15.88 18.54
CA LEU A 276 -0.58 15.66 18.22
C LEU A 276 0.18 16.99 18.32
N ILE A 277 -0.43 18.06 17.84
CA ILE A 277 0.16 19.42 17.96
C ILE A 277 0.17 19.90 19.43
N GLY A 278 -0.61 19.27 20.31
CA GLY A 278 -0.50 19.48 21.77
C GLY A 278 0.67 18.72 22.41
N LEU A 279 1.51 18.00 21.68
CA LEU A 279 2.75 17.39 22.28
C LEU A 279 3.83 18.46 22.49
N ASP A 280 3.68 19.26 23.54
CA ASP A 280 4.47 20.50 23.79
C ASP A 280 5.96 20.17 23.98
N SER A 281 6.35 18.99 24.48
CA SER A 281 7.78 18.51 24.55
C SER A 281 8.43 18.50 23.17
N MET A 282 7.64 18.35 22.09
CA MET A 282 8.26 18.03 20.78
C MET A 282 8.44 19.32 20.00
N GLU A 283 9.45 19.37 19.14
CA GLU A 283 9.61 20.42 18.12
C GLU A 283 8.87 20.01 16.84
N ARG A 284 8.95 18.73 16.48
CA ARG A 284 8.50 18.24 15.15
C ARG A 284 7.67 16.96 15.32
N ILE A 285 6.59 16.85 14.53
CA ILE A 285 5.74 15.62 14.35
C ILE A 285 5.92 15.20 12.90
N SER A 286 6.34 13.97 12.65
CA SER A 286 6.46 13.42 11.27
C SER A 286 5.47 12.28 11.11
N ILE A 287 4.94 12.15 9.89
CA ILE A 287 4.03 11.03 9.54
C ILE A 287 4.26 10.65 8.07
N ILE A 288 4.13 9.38 7.76
CA ILE A 288 4.10 8.92 6.35
C ILE A 288 2.63 8.81 5.97
N THR A 289 2.18 9.68 5.09
CA THR A 289 0.75 9.83 4.76
C THR A 289 0.63 9.76 3.23
N HIS A 290 -0.43 10.31 2.66
CA HIS A 290 -0.65 10.31 1.18
C HIS A 290 -0.70 11.77 0.68
N PRO A 291 -0.54 12.00 -0.64
CA PRO A 291 -0.45 13.36 -1.17
C PRO A 291 -1.69 14.23 -0.89
N GLN A 292 -2.85 13.66 -0.56
CA GLN A 292 -4.08 14.45 -0.40
C GLN A 292 -4.41 14.62 1.07
N ASP A 293 -3.47 14.32 1.98
CA ASP A 293 -3.69 14.54 3.43
C ASP A 293 -4.13 15.99 3.62
N PRO A 294 -5.33 16.25 4.18
CA PRO A 294 -5.77 17.63 4.38
C PRO A 294 -5.03 18.43 5.46
N LEU A 295 -4.17 17.79 6.25
CA LEU A 295 -3.44 18.43 7.37
C LEU A 295 -3.01 19.84 7.02
N PRO A 296 -2.26 20.12 5.93
CA PRO A 296 -1.74 21.46 5.73
C PRO A 296 -2.82 22.54 5.80
N HIS A 297 -4.03 22.22 5.32
CA HIS A 297 -5.20 23.14 5.15
C HIS A 297 -5.87 23.43 6.49
N LEU A 298 -5.58 22.59 7.48
CA LEU A 298 -6.03 22.78 8.87
C LEU A 298 -5.25 23.90 9.54
N LEU A 299 -4.15 24.36 8.98
CA LEU A 299 -3.25 25.32 9.70
C LEU A 299 -3.39 26.67 9.05
N THR A 300 -3.10 27.74 9.78
CA THR A 300 -3.07 29.11 9.23
C THR A 300 -1.84 29.24 8.33
N ASP A 301 -0.81 28.41 8.52
CA ASP A 301 0.38 28.40 7.61
C ASP A 301 0.55 26.99 7.03
N THR A 302 0.11 26.77 5.78
CA THR A 302 0.07 25.45 5.08
C THR A 302 1.49 24.96 4.92
N ARG A 303 2.42 25.90 4.90
CA ARG A 303 3.84 25.61 4.65
C ARG A 303 4.47 24.90 5.86
N LEU A 304 3.91 25.01 7.07
CA LEU A 304 4.43 24.29 8.27
C LEU A 304 4.38 22.78 8.08
N ALA A 305 3.58 22.31 7.09
CA ALA A 305 3.44 20.88 6.75
C ALA A 305 4.38 20.54 5.59
N ARG A 306 5.68 20.50 5.85
CA ARG A 306 6.80 20.20 4.90
C ARG A 306 6.79 18.74 4.46
N THR A 307 6.68 18.59 3.15
CA THR A 307 6.97 17.32 2.48
C THR A 307 8.47 17.10 2.56
N THR A 308 8.87 16.16 3.43
CA THR A 308 10.28 15.84 3.69
C THR A 308 10.70 14.59 2.93
N TRP A 309 9.78 13.82 2.33
CA TRP A 309 10.11 12.53 1.67
C TRP A 309 8.91 12.07 0.85
N ARG A 310 9.16 11.52 -0.34
CA ARG A 310 8.13 10.96 -1.24
C ARG A 310 8.69 9.70 -1.87
N GLN A 311 7.87 8.66 -1.94
CA GLN A 311 8.31 7.39 -2.55
C GLN A 311 7.09 6.54 -2.95
N ASP A 312 7.28 5.64 -3.89
CA ASP A 312 6.27 4.61 -4.26
C ASP A 312 5.90 3.84 -2.98
N GLY A 313 4.64 3.46 -2.82
CA GLY A 313 4.22 2.57 -1.74
C GLY A 313 3.91 1.18 -2.29
N LEU A 314 2.64 0.88 -2.43
CA LEU A 314 2.20 -0.45 -2.91
C LEU A 314 2.37 -0.46 -4.42
N TRP A 315 2.88 -1.57 -4.95
CA TRP A 315 2.97 -1.84 -6.41
C TRP A 315 1.91 -2.88 -6.77
N LEU A 316 1.26 -2.73 -7.94
CA LEU A 316 0.25 -3.71 -8.41
C LEU A 316 0.66 -4.38 -9.72
N ARG A 317 0.38 -5.67 -9.81
CA ARG A 317 0.38 -6.36 -11.10
C ARG A 317 -1.05 -6.84 -11.35
N ILE A 318 -1.67 -6.32 -12.39
CA ILE A 318 -2.99 -6.82 -12.87
C ILE A 318 -2.73 -8.20 -13.49
N MET A 319 -3.28 -9.27 -12.91
CA MET A 319 -3.08 -10.66 -13.35
C MET A 319 -4.14 -10.95 -14.43
N ASN A 320 -5.38 -10.54 -14.22
CA ASN A 320 -6.49 -10.72 -15.20
C ASN A 320 -7.07 -9.33 -15.55
N VAL A 321 -6.79 -8.82 -16.74
CA VAL A 321 -7.12 -7.44 -17.14
C VAL A 321 -8.63 -7.24 -17.07
N PRO A 322 -9.46 -8.08 -17.73
CA PRO A 322 -10.89 -7.86 -17.74
C PRO A 322 -11.53 -8.01 -16.35
N ALA A 323 -11.14 -9.03 -15.58
CA ALA A 323 -11.68 -9.18 -14.22
C ALA A 323 -11.32 -7.90 -13.41
N ALA A 324 -10.10 -7.39 -13.52
CA ALA A 324 -9.70 -6.23 -12.68
C ALA A 324 -10.47 -4.97 -13.14
N LEU A 325 -10.54 -4.73 -14.45
CA LEU A 325 -11.16 -3.49 -14.98
C LEU A 325 -12.66 -3.51 -14.70
N GLU A 326 -13.30 -4.68 -14.69
CA GLU A 326 -14.76 -4.73 -14.43
C GLU A 326 -15.04 -4.63 -12.92
N ALA A 327 -14.12 -5.08 -12.06
CA ALA A 327 -14.32 -5.13 -10.59
C ALA A 327 -14.39 -3.73 -9.98
N ARG A 328 -13.55 -2.79 -10.42
CA ARG A 328 -13.48 -1.47 -9.74
C ARG A 328 -14.61 -0.56 -10.25
N GLY A 329 -14.95 0.43 -9.44
CA GLY A 329 -15.93 1.48 -9.77
C GLY A 329 -15.23 2.61 -10.48
N TYR A 330 -15.93 3.35 -11.33
CA TYR A 330 -15.33 4.47 -12.09
C TYR A 330 -16.10 5.75 -11.76
N ALA A 331 -15.51 6.89 -12.09
CA ALA A 331 -16.13 8.20 -11.76
C ALA A 331 -17.44 8.33 -12.55
N HIS A 332 -18.53 8.67 -11.85
CA HIS A 332 -19.87 8.89 -12.45
C HIS A 332 -19.89 10.16 -13.30
N GLU A 333 -18.92 11.07 -13.14
CA GLU A 333 -18.99 12.42 -13.77
C GLU A 333 -18.60 12.37 -15.25
N VAL A 334 -18.04 11.28 -15.74
CA VAL A 334 -17.66 11.16 -17.19
C VAL A 334 -18.79 10.39 -17.90
N GLY A 335 -19.20 10.87 -19.03
CA GLY A 335 -20.30 10.23 -19.78
C GLY A 335 -19.80 8.94 -20.38
N GLU A 336 -20.71 8.03 -20.67
CA GLU A 336 -20.42 6.76 -21.34
C GLU A 336 -19.46 6.96 -22.52
N PHE A 337 -18.46 6.09 -22.60
CA PHE A 337 -17.51 6.04 -23.74
C PHE A 337 -17.02 4.60 -23.89
N SER A 338 -16.56 4.28 -25.09
CA SER A 338 -16.05 2.96 -25.52
C SER A 338 -14.68 3.17 -26.15
N THR A 339 -13.76 2.25 -25.96
CA THR A 339 -12.47 2.31 -26.65
C THR A 339 -11.97 0.88 -26.76
N VAL A 340 -10.77 0.74 -27.29
CA VAL A 340 -10.06 -0.54 -27.45
C VAL A 340 -8.69 -0.33 -26.81
N LEU A 341 -8.45 -1.09 -25.76
CA LEU A 341 -7.22 -1.09 -24.96
C LEU A 341 -6.46 -2.38 -25.24
N GLU A 342 -5.19 -2.24 -25.64
CA GLU A 342 -4.23 -3.34 -25.67
C GLU A 342 -3.23 -3.17 -24.52
N VAL A 343 -3.13 -4.19 -23.68
CA VAL A 343 -2.01 -4.40 -22.73
C VAL A 343 -0.97 -5.25 -23.45
N SER A 344 0.28 -4.77 -23.48
CA SER A 344 1.43 -5.35 -24.24
C SER A 344 1.47 -6.88 -24.12
N ASP A 345 1.42 -7.53 -22.98
CA ASP A 345 1.35 -9.01 -23.24
C ASP A 345 0.16 -9.62 -22.51
N GLY A 346 -0.99 -8.97 -22.63
CA GLY A 346 -2.08 -9.18 -21.67
C GLY A 346 -3.44 -9.10 -22.30
N GLY A 347 -3.48 -9.03 -23.64
CA GLY A 347 -4.70 -9.12 -24.47
C GLY A 347 -5.13 -7.77 -25.05
N ARG A 348 -6.11 -7.78 -25.95
CA ARG A 348 -6.78 -6.57 -26.44
C ARG A 348 -8.28 -6.63 -26.12
N PHE A 349 -8.86 -5.52 -25.69
CA PHE A 349 -10.21 -5.50 -25.07
C PHE A 349 -11.01 -4.30 -25.55
N ALA A 350 -12.27 -4.58 -25.86
CA ALA A 350 -13.32 -3.55 -26.01
C ALA A 350 -13.66 -3.10 -24.58
N LEU A 351 -13.41 -1.83 -24.29
CA LEU A 351 -13.63 -1.25 -22.95
C LEU A 351 -14.72 -0.20 -23.04
N LYS A 352 -15.81 -0.45 -22.34
CA LYS A 352 -16.95 0.50 -22.29
C LYS A 352 -17.13 0.88 -20.82
N ILE A 353 -17.13 2.19 -20.56
CA ILE A 353 -17.24 2.76 -19.19
C ILE A 353 -18.42 3.72 -19.17
N GLY A 354 -19.41 3.46 -18.33
CA GLY A 354 -20.54 4.38 -18.13
C GLY A 354 -21.22 4.08 -16.83
N ASP A 355 -21.87 5.08 -16.22
CA ASP A 355 -22.61 4.93 -14.93
C ASP A 355 -21.68 4.31 -13.89
N GLY A 356 -20.40 4.66 -13.93
CA GLY A 356 -19.44 4.24 -12.90
C GLY A 356 -19.03 2.78 -13.01
N ARG A 357 -19.38 2.08 -14.11
CA ARG A 357 -19.09 0.62 -14.31
C ARG A 357 -18.39 0.44 -15.65
N ALA A 358 -17.49 -0.54 -15.73
CA ALA A 358 -16.80 -0.92 -16.99
C ALA A 358 -17.24 -2.32 -17.41
N ARG A 359 -17.38 -2.51 -18.72
CA ARG A 359 -17.45 -3.85 -19.39
C ARG A 359 -16.20 -3.95 -20.27
N CYS A 360 -15.52 -5.09 -20.23
CA CYS A 360 -14.18 -5.22 -20.84
C CYS A 360 -14.11 -6.61 -21.45
N THR A 361 -14.27 -6.71 -22.79
CA THR A 361 -14.53 -7.96 -23.55
C THR A 361 -13.48 -8.15 -24.65
N PRO A 362 -13.18 -9.41 -25.03
CA PRO A 362 -12.16 -9.67 -26.04
C PRO A 362 -12.52 -9.00 -27.37
N THR A 363 -11.52 -8.50 -28.07
CA THR A 363 -11.70 -7.95 -29.44
C THR A 363 -10.41 -8.08 -30.25
N ASP A 364 -10.51 -8.14 -31.58
CA ASP A 364 -9.34 -8.02 -32.47
C ASP A 364 -9.48 -6.68 -33.21
N ALA A 365 -10.45 -5.84 -32.86
CA ALA A 365 -10.55 -4.48 -33.47
C ALA A 365 -9.24 -3.68 -33.22
N ALA A 366 -8.92 -2.70 -34.05
CA ALA A 366 -7.68 -1.89 -33.90
C ALA A 366 -7.65 -1.24 -32.50
N ALA A 367 -6.51 -1.29 -31.83
CA ALA A 367 -6.27 -0.66 -30.52
C ALA A 367 -6.33 0.87 -30.68
N GLU A 368 -7.00 1.55 -29.77
CA GLU A 368 -6.96 3.03 -29.66
C GLU A 368 -5.98 3.45 -28.54
N ILE A 369 -5.71 2.58 -27.57
CA ILE A 369 -4.80 2.84 -26.41
C ILE A 369 -3.92 1.62 -26.30
N GLU A 370 -2.63 1.81 -26.09
CA GLU A 370 -1.69 0.71 -25.78
C GLU A 370 -0.86 1.09 -24.56
N MET A 371 -0.49 0.11 -23.74
CA MET A 371 0.39 0.30 -22.55
C MET A 371 0.89 -1.08 -22.08
N ASP A 372 1.99 -1.10 -21.33
CA ASP A 372 2.48 -2.36 -20.71
C ASP A 372 1.61 -2.67 -19.48
N ARG A 373 1.76 -3.88 -18.93
CA ARG A 373 0.96 -4.31 -17.75
C ARG A 373 1.20 -3.37 -16.56
N ASP A 374 2.46 -3.01 -16.28
CA ASP A 374 2.80 -2.18 -15.10
C ASP A 374 2.05 -0.85 -15.15
N VAL A 375 1.92 -0.26 -16.33
CA VAL A 375 1.25 1.06 -16.49
C VAL A 375 -0.19 0.93 -16.02
N LEU A 376 -0.90 -0.12 -16.42
CA LEU A 376 -2.29 -0.34 -15.94
C LEU A 376 -2.31 -0.45 -14.42
N GLY A 377 -1.34 -1.14 -13.82
CA GLY A 377 -1.31 -1.22 -12.34
C GLY A 377 -1.21 0.17 -11.72
N SER A 378 -0.36 1.04 -12.29
CA SER A 378 -0.14 2.44 -11.81
C SER A 378 -1.41 3.29 -11.97
N LEU A 379 -2.24 3.06 -13.01
CA LEU A 379 -3.54 3.78 -13.18
C LEU A 379 -4.60 3.25 -12.20
N TYR A 380 -4.52 1.97 -11.82
CA TYR A 380 -5.69 1.19 -11.36
C TYR A 380 -6.33 1.80 -10.11
N LEU A 381 -5.58 2.31 -9.14
CA LEU A 381 -6.11 2.89 -7.88
C LEU A 381 -6.25 4.43 -7.98
N GLY A 382 -5.95 5.06 -9.12
CA GLY A 382 -6.04 6.53 -9.26
C GLY A 382 -4.83 7.30 -8.77
N ALA A 383 -3.71 6.70 -8.40
CA ALA A 383 -2.53 7.47 -7.94
C ALA A 383 -1.81 8.21 -9.09
N HIS A 384 -1.92 7.72 -10.31
CA HIS A 384 -1.20 8.30 -11.48
C HIS A 384 -2.24 8.58 -12.56
N ARG A 385 -2.16 9.75 -13.18
CA ARG A 385 -3.06 10.16 -14.28
C ARG A 385 -2.58 9.53 -15.59
N ALA A 386 -3.51 9.09 -16.43
CA ALA A 386 -3.23 8.58 -17.79
C ALA A 386 -2.46 9.65 -18.57
N SER A 387 -2.84 10.93 -18.46
CA SER A 387 -2.16 12.07 -19.17
C SER A 387 -0.68 12.14 -18.81
N THR A 388 -0.34 11.90 -17.55
CA THR A 388 1.05 11.99 -17.08
C THR A 388 1.85 10.83 -17.71
N LEU A 389 1.30 9.64 -17.67
CA LEU A 389 1.94 8.45 -18.28
C LEU A 389 2.03 8.58 -19.80
N ALA A 390 0.99 9.15 -20.45
CA ALA A 390 1.04 9.43 -21.91
C ALA A 390 2.19 10.40 -22.22
N ALA A 391 2.39 11.44 -21.43
CA ALA A 391 3.44 12.44 -21.74
C ALA A 391 4.82 11.77 -21.65
N ALA A 392 4.94 10.67 -20.91
CA ALA A 392 6.21 9.92 -20.79
C ALA A 392 6.27 8.84 -21.88
N ASN A 393 5.22 8.73 -22.67
CA ASN A 393 5.00 7.72 -23.75
C ASN A 393 4.84 6.31 -23.15
N ARG A 394 4.44 6.18 -21.89
CA ARG A 394 4.24 4.86 -21.24
C ARG A 394 2.86 4.32 -21.66
N LEU A 395 1.94 5.19 -22.03
CA LEU A 395 0.77 4.64 -22.73
C LEU A 395 0.57 5.45 -24.00
N ARG A 396 0.15 4.85 -25.11
CA ARG A 396 0.12 5.51 -26.42
C ARG A 396 -1.32 5.53 -26.89
N THR A 397 -1.75 6.70 -27.33
CA THR A 397 -3.04 6.92 -28.01
C THR A 397 -2.90 8.15 -28.91
N LYS A 398 -3.64 8.21 -30.00
CA LYS A 398 -3.61 9.37 -30.93
C LYS A 398 -4.83 10.27 -30.64
N ASP A 399 -5.62 9.96 -29.61
CA ASP A 399 -6.83 10.73 -29.25
C ASP A 399 -6.66 11.45 -27.90
N SER A 400 -6.58 12.79 -27.89
CA SER A 400 -6.44 13.60 -26.65
C SER A 400 -7.76 13.57 -25.85
N GLN A 401 -8.91 13.53 -26.53
CA GLN A 401 -10.22 13.40 -25.86
C GLN A 401 -10.29 12.08 -25.07
N LEU A 402 -9.91 10.98 -25.70
CA LEU A 402 -9.85 9.66 -25.01
C LEU A 402 -8.96 9.74 -23.77
N LEU A 403 -7.81 10.40 -23.85
CA LEU A 403 -6.92 10.60 -22.67
C LEU A 403 -7.67 11.32 -21.55
N ARG A 404 -8.31 12.45 -21.85
CA ARG A 404 -9.03 13.18 -20.77
C ARG A 404 -10.09 12.27 -20.18
N ARG A 405 -10.77 11.48 -21.01
CA ARG A 405 -11.87 10.60 -20.51
C ARG A 405 -11.31 9.51 -19.57
N LEU A 406 -10.17 8.92 -19.94
CA LEU A 406 -9.48 7.90 -19.09
C LEU A 406 -9.06 8.52 -17.77
N ASP A 407 -8.34 9.65 -17.85
CA ASP A 407 -7.97 10.40 -16.63
C ASP A 407 -9.17 10.53 -15.70
N ALA A 408 -10.31 11.01 -16.22
CA ALA A 408 -11.49 11.35 -15.38
C ALA A 408 -12.09 10.05 -14.84
N ALA A 409 -12.14 9.01 -15.68
CA ALA A 409 -12.85 7.76 -15.33
C ALA A 409 -12.06 7.01 -14.26
N PHE A 410 -10.72 6.92 -14.38
CA PHE A 410 -9.88 6.13 -13.44
C PHE A 410 -9.62 6.90 -12.15
N ALA A 411 -9.92 8.21 -12.09
CA ALA A 411 -9.71 9.00 -10.86
C ALA A 411 -10.53 8.34 -9.77
N SER A 412 -10.04 8.40 -8.54
CA SER A 412 -10.73 7.92 -7.33
C SER A 412 -11.30 9.10 -6.56
N ASP A 413 -12.60 9.08 -6.35
CA ASP A 413 -13.32 10.00 -5.47
C ASP A 413 -12.57 10.14 -4.12
N VAL A 414 -12.38 9.02 -3.40
CA VAL A 414 -11.61 8.92 -2.12
C VAL A 414 -10.12 8.76 -2.47
N PRO A 415 -9.25 9.68 -2.00
CA PRO A 415 -7.80 9.58 -2.19
C PRO A 415 -7.26 8.18 -1.82
N VAL A 416 -6.48 7.55 -2.68
CA VAL A 416 -5.77 6.27 -2.42
C VAL A 416 -4.73 6.48 -1.28
N GLN A 417 -4.68 5.55 -0.35
CA GLN A 417 -3.74 5.57 0.77
C GLN A 417 -3.03 4.22 0.81
N THR A 418 -2.04 4.09 1.68
CA THR A 418 -1.23 2.87 1.85
C THR A 418 -1.58 2.30 3.21
N ALA A 419 -1.95 1.03 3.29
CA ALA A 419 -2.43 0.44 4.55
C ALA A 419 -1.20 0.18 5.45
N PHE A 420 -0.41 -0.82 5.14
CA PHE A 420 0.73 -1.29 5.95
C PHE A 420 1.62 -2.08 5.02
N GLU A 421 2.93 -1.99 5.20
CA GLU A 421 3.91 -2.71 4.38
C GLU A 421 3.83 -4.20 4.67
N PHE A 422 4.24 -4.99 3.68
CA PHE A 422 4.34 -6.45 3.81
C PHE A 422 5.45 -6.86 2.86
C1 PVU B . 6.92 -14.66 5.83
C2 PVU B . 5.97 -14.29 4.89
C4 PVU B . 6.56 -11.99 5.27
C8 PVU B . 9.93 -9.69 8.38
C9 PVU B . 10.73 -8.79 9.06
C10 PVU B . 11.55 -7.93 8.36
C11 PVU B . 11.58 -7.96 6.97
C12 PVU B . 10.79 -8.85 6.25
C13 PVU B . 10.78 -8.88 4.74
C14 PVU B . 9.00 -7.35 3.92
C15 PVU B . 8.21 -7.18 5.23
C16 PVU B . 8.33 -6.01 6.00
C17 PVU B . 6.87 -6.79 7.59
C18 PVU B . 6.67 -7.98 6.88
C19 PVU B . 7.33 -8.16 5.69
CL1 PVU B . 7.19 -16.33 6.19
C3 PVU B . 5.81 -12.94 4.61
C5 PVU B . 7.50 -12.38 6.21
C6 PVU B . 8.27 -11.39 7.02
O1 PVU B . 9.16 -10.58 6.26
C7 PVU B . 9.95 -9.71 6.99
N1 PVU B . 10.43 -7.60 4.13
N2 PVU B . 7.67 -5.80 7.17
C20 PVU B . 7.67 -13.73 6.49
C1 GOL C . 1.96 -15.20 -15.94
O1 GOL C . 1.29 -16.34 -15.42
C2 GOL C . 1.07 -13.98 -15.98
O2 GOL C . 1.37 -13.21 -17.16
C3 GOL C . -0.43 -14.27 -15.91
O3 GOL C . -1.18 -13.14 -15.47
#